data_4Q82
#
_entry.id   4Q82
#
_cell.length_a   77.935
_cell.length_b   146.084
_cell.length_c   68.720
_cell.angle_alpha   90.00
_cell.angle_beta   90.00
_cell.angle_gamma   90.00
#
_symmetry.space_group_name_H-M   'P 21 21 2'
#
loop_
_entity.id
_entity.type
_entity.pdbx_description
1 polymer Phospholipase/Carboxylesterase
2 non-polymer 'CHLORIDE ION'
3 non-polymer GLYCEROL
4 non-polymer 'FORMIC ACID'
5 water water
#
_entity_poly.entity_id   1
_entity_poly.type   'polypeptide(L)'
_entity_poly.pdbx_seq_one_letter_code
;SNADDGGDDGGAETDAAVAIDASPVDAPDPIDAAPDANQIDA(MSE)VDDRPSSARLSVRALDTTEAGNGFWEYLPPRYG
AEPAPL(MSE)VFWHGIGENGDGSEAALDKVLANGPPRYIERDEWSNERPFVVLSPQHAGGGCPSADEIRDFLAFAVDTY
EVDESRIYLTGL(2ZC)CGAIGSWNYLRAHLDTTPIAAAVLIAGNGRPAFNDHGCDLAQVPIWGFHGDADPTVAPAGTIE
P(MSE)NGLIACAQPRADQQLTVYEGVGHDSWSRTYSLSAGHDIYAWLLSQSR
;
_entity_poly.pdbx_strand_id   A,B
#
loop_
_chem_comp.id
_chem_comp.type
_chem_comp.name
_chem_comp.formula
CL non-polymer 'CHLORIDE ION' 'Cl -1'
FMT non-polymer 'FORMIC ACID' 'C H2 O2'
GOL non-polymer GLYCEROL 'C3 H8 O3'
#
# COMPACT_ATOMS: atom_id res chain seq x y z
N ALA A 42 -14.48 -23.41 20.85
CA ALA A 42 -15.18 -24.17 19.82
C ALA A 42 -14.20 -24.89 18.91
N MSE A 43 -14.61 -26.05 18.41
CA MSE A 43 -13.84 -26.73 17.36
C MSE A 43 -14.28 -26.21 15.99
O MSE A 43 -15.46 -25.93 15.76
CB MSE A 43 -14.02 -28.24 17.42
CG MSE A 43 -15.37 -28.70 17.01
SE MSE A 43 -15.47 -30.58 17.32
CE MSE A 43 -15.80 -30.57 19.24
N VAL A 44 -13.31 -26.10 15.08
CA VAL A 44 -13.48 -25.33 13.87
C VAL A 44 -12.93 -26.06 12.63
N ASP A 45 -13.71 -26.07 11.56
CA ASP A 45 -13.28 -26.55 10.25
C ASP A 45 -12.03 -25.77 9.84
N ASP A 46 -10.96 -26.48 9.47
CA ASP A 46 -9.73 -25.80 9.02
C ASP A 46 -9.25 -26.34 7.66
N ARG A 47 -10.15 -26.99 6.92
CA ARG A 47 -9.84 -27.33 5.53
C ARG A 47 -9.58 -26.06 4.69
N PRO A 48 -8.82 -26.18 3.60
CA PRO A 48 -8.54 -25.03 2.74
C PRO A 48 -9.84 -24.43 2.15
N SER A 49 -9.78 -23.17 1.71
CA SER A 49 -10.99 -22.43 1.39
C SER A 49 -11.88 -23.07 0.32
N SER A 50 -11.30 -23.79 -0.64
CA SER A 50 -12.14 -24.35 -1.71
C SER A 50 -13.12 -25.39 -1.17
N ALA A 51 -12.83 -25.94 0.00
CA ALA A 51 -13.72 -26.93 0.61
C ALA A 51 -15.08 -26.33 0.94
N ARG A 52 -15.14 -25.01 1.08
CA ARG A 52 -16.41 -24.37 1.44
C ARG A 52 -16.91 -23.45 0.34
N LEU A 53 -16.47 -23.70 -0.89
CA LEU A 53 -16.92 -22.92 -2.06
C LEU A 53 -17.95 -23.72 -2.82
N SER A 54 -19.16 -23.17 -2.98
CA SER A 54 -20.25 -23.88 -3.67
C SER A 54 -20.86 -23.02 -4.77
N VAL A 55 -21.15 -23.64 -5.92
CA VAL A 55 -21.79 -22.95 -7.03
C VAL A 55 -23.30 -22.90 -6.76
N ARG A 56 -23.90 -21.75 -7.02
CA ARG A 56 -25.33 -21.57 -6.80
C ARG A 56 -25.94 -21.00 -8.08
N ALA A 57 -26.24 -21.88 -9.02
CA ALA A 57 -26.66 -21.46 -10.35
C ALA A 57 -27.98 -20.70 -10.32
N LEU A 58 -28.15 -19.82 -11.31
CA LEU A 58 -29.37 -19.05 -11.46
C LEU A 58 -30.58 -19.99 -11.47
N ASP A 59 -31.62 -19.59 -10.74
CA ASP A 59 -32.90 -20.32 -10.60
C ASP A 59 -32.81 -21.54 -9.68
N THR A 60 -31.70 -21.70 -8.97
CA THR A 60 -31.66 -22.70 -7.91
C THR A 60 -31.81 -22.02 -6.55
N THR A 61 -31.85 -20.69 -6.55
CA THR A 61 -32.10 -19.93 -5.32
C THR A 61 -33.10 -18.80 -5.63
N GLU A 62 -33.46 -18.04 -4.60
CA GLU A 62 -34.34 -16.88 -4.77
C GLU A 62 -33.63 -15.69 -5.43
N ALA A 63 -32.30 -15.77 -5.55
CA ALA A 63 -31.51 -14.66 -6.08
C ALA A 63 -31.74 -14.39 -7.57
N GLY A 64 -31.54 -13.15 -7.98
CA GLY A 64 -31.68 -12.78 -9.39
C GLY A 64 -30.39 -12.98 -10.16
N ASN A 65 -29.40 -13.60 -9.51
CA ASN A 65 -28.11 -13.94 -10.11
C ASN A 65 -27.65 -15.35 -9.73
N GLY A 66 -27.03 -16.06 -10.66
CA GLY A 66 -26.18 -17.17 -10.25
C GLY A 66 -25.03 -16.60 -9.42
N PHE A 67 -24.49 -17.36 -8.48
CA PHE A 67 -23.35 -16.86 -7.69
C PHE A 67 -22.53 -17.98 -7.09
N TRP A 68 -21.28 -17.64 -6.74
CA TRP A 68 -20.42 -18.51 -5.93
C TRP A 68 -20.63 -18.18 -4.48
N GLU A 69 -20.81 -19.22 -3.66
CA GLU A 69 -21.00 -19.07 -2.23
C GLU A 69 -19.79 -19.61 -1.49
N TYR A 70 -19.12 -18.74 -0.74
CA TYR A 70 -18.06 -19.15 0.16
C TYR A 70 -18.48 -18.93 1.61
N LEU A 71 -18.41 -20.00 2.41
CA LEU A 71 -18.72 -19.91 3.84
C LEU A 71 -17.43 -20.03 4.64
N PRO A 72 -17.26 -19.16 5.64
CA PRO A 72 -16.06 -19.15 6.47
C PRO A 72 -16.09 -20.30 7.47
N PRO A 73 -14.95 -20.64 8.06
CA PRO A 73 -14.88 -21.77 8.99
C PRO A 73 -15.93 -21.76 10.10
N ARG A 74 -16.19 -20.60 10.69
N ARG A 74 -16.19 -20.61 10.71
CA ARG A 74 -17.10 -20.54 11.83
CA ARG A 74 -17.13 -20.57 11.84
C ARG A 74 -18.53 -20.13 11.45
C ARG A 74 -18.53 -20.15 11.45
N TYR A 75 -18.90 -20.29 10.17
CA TYR A 75 -20.25 -19.94 9.74
C TYR A 75 -21.30 -20.68 10.59
N GLY A 76 -22.31 -19.94 11.03
CA GLY A 76 -23.35 -20.52 11.88
C GLY A 76 -23.14 -20.33 13.38
N ALA A 77 -21.89 -20.15 13.80
CA ALA A 77 -21.53 -20.07 15.21
C ALA A 77 -21.89 -18.72 15.82
N GLU A 78 -21.88 -17.71 14.96
CA GLU A 78 -22.19 -16.34 15.32
C GLU A 78 -22.44 -15.66 13.97
N PRO A 79 -23.25 -14.58 13.96
CA PRO A 79 -23.48 -13.91 12.67
C PRO A 79 -22.16 -13.48 12.02
N ALA A 80 -21.96 -13.82 10.75
CA ALA A 80 -20.69 -13.55 10.10
C ALA A 80 -20.74 -12.24 9.31
N PRO A 81 -19.61 -11.52 9.24
CA PRO A 81 -19.58 -10.39 8.30
C PRO A 81 -19.83 -10.90 6.89
N LEU A 82 -20.37 -10.04 6.03
CA LEU A 82 -20.71 -10.42 4.67
C LEU A 82 -19.93 -9.56 3.69
N MSE A 83 -19.36 -10.22 2.68
CA MSE A 83 -18.73 -9.53 1.58
C MSE A 83 -19.40 -9.94 0.29
O MSE A 83 -19.45 -11.13 -0.04
CB MSE A 83 -17.23 -9.84 1.51
CG MSE A 83 -16.50 -9.16 0.35
SE MSE A 83 -14.67 -9.83 0.14
CE MSE A 83 -13.96 -9.31 1.89
N VAL A 84 -19.90 -8.96 -0.48
CA VAL A 84 -20.45 -9.29 -1.79
C VAL A 84 -19.51 -8.66 -2.83
N PHE A 85 -18.99 -9.51 -3.71
CA PHE A 85 -17.99 -9.09 -4.71
C PHE A 85 -18.57 -9.14 -6.12
N TRP A 86 -18.39 -8.05 -6.88
CA TRP A 86 -18.88 -7.96 -8.27
C TRP A 86 -17.71 -7.94 -9.26
N HIS A 87 -17.74 -8.91 -10.19
CA HIS A 87 -16.69 -9.12 -11.17
C HIS A 87 -16.66 -8.05 -12.30
N GLY A 88 -15.66 -8.14 -13.15
CA GLY A 88 -15.56 -7.22 -14.27
C GLY A 88 -16.25 -7.73 -15.53
N ILE A 89 -16.29 -6.88 -16.57
CA ILE A 89 -17.15 -7.17 -17.73
C ILE A 89 -16.74 -8.45 -18.48
N GLY A 90 -15.47 -8.82 -18.40
CA GLY A 90 -15.00 -10.00 -19.09
C GLY A 90 -15.62 -11.27 -18.55
N GLU A 91 -16.12 -11.20 -17.33
CA GLU A 91 -16.63 -12.39 -16.69
C GLU A 91 -18.17 -12.43 -16.66
N ASN A 92 -18.84 -11.53 -17.41
CA ASN A 92 -20.30 -11.59 -17.57
C ASN A 92 -20.72 -12.97 -18.11
N GLY A 93 -21.87 -13.46 -17.68
CA GLY A 93 -22.37 -14.74 -18.21
C GLY A 93 -23.77 -15.00 -17.71
N ASP A 94 -24.37 -16.14 -18.09
CA ASP A 94 -25.80 -16.28 -17.85
C ASP A 94 -26.18 -16.86 -16.49
N GLY A 95 -25.19 -17.01 -15.60
CA GLY A 95 -25.47 -17.48 -14.25
C GLY A 95 -25.64 -18.98 -14.10
N SER A 96 -25.52 -19.72 -15.20
CA SER A 96 -25.55 -21.19 -15.15
C SER A 96 -24.26 -21.72 -14.50
N GLU A 97 -24.24 -23.00 -14.15
CA GLU A 97 -23.00 -23.56 -13.55
C GLU A 97 -21.80 -23.40 -14.47
N ALA A 98 -22.01 -23.68 -15.76
CA ALA A 98 -20.95 -23.58 -16.73
C ALA A 98 -20.46 -22.13 -16.82
N ALA A 99 -21.39 -21.20 -16.92
CA ALA A 99 -21.04 -19.80 -17.10
C ALA A 99 -20.32 -19.25 -15.85
N LEU A 100 -20.69 -19.76 -14.69
CA LEU A 100 -20.16 -19.24 -13.42
C LEU A 100 -18.66 -19.47 -13.29
N ASP A 101 -18.14 -20.46 -14.03
N ASP A 101 -18.14 -20.46 -14.01
CA ASP A 101 -16.70 -20.72 -13.99
CA ASP A 101 -16.71 -20.72 -13.96
C ASP A 101 -15.91 -19.45 -14.33
C ASP A 101 -15.90 -19.46 -14.35
N LYS A 102 -16.46 -18.62 -15.23
CA LYS A 102 -15.78 -17.38 -15.63
C LYS A 102 -15.47 -16.47 -14.43
N VAL A 103 -16.38 -16.45 -13.46
CA VAL A 103 -16.27 -15.53 -12.33
C VAL A 103 -15.07 -15.91 -11.45
N LEU A 104 -14.54 -17.13 -11.60
CA LEU A 104 -13.38 -17.52 -10.82
C LEU A 104 -12.07 -16.86 -11.28
N ALA A 105 -12.13 -16.10 -12.37
CA ALA A 105 -10.92 -15.52 -12.98
C ALA A 105 -10.18 -14.52 -12.08
N ASN A 106 -10.94 -13.70 -11.38
CA ASN A 106 -10.34 -12.58 -10.62
C ASN A 106 -10.97 -12.42 -9.27
N GLY A 107 -10.26 -11.74 -8.37
CA GLY A 107 -10.90 -11.31 -7.13
C GLY A 107 -11.01 -12.42 -6.08
N PRO A 108 -11.75 -12.14 -5.01
CA PRO A 108 -11.93 -13.12 -3.93
C PRO A 108 -12.24 -14.55 -4.42
N PRO A 109 -13.17 -14.73 -5.39
CA PRO A 109 -13.46 -16.13 -5.72
C PRO A 109 -12.29 -16.86 -6.37
N ARG A 110 -11.42 -16.12 -7.08
CA ARG A 110 -10.18 -16.72 -7.59
C ARG A 110 -9.34 -17.30 -6.45
N TYR A 111 -9.08 -16.48 -5.43
CA TYR A 111 -8.20 -16.91 -4.34
C TYR A 111 -8.87 -17.99 -3.53
N ILE A 112 -10.17 -17.87 -3.33
CA ILE A 112 -10.90 -18.94 -2.61
C ILE A 112 -10.80 -20.26 -3.34
N GLU A 113 -11.03 -20.24 -4.66
CA GLU A 113 -11.02 -21.48 -5.42
C GLU A 113 -9.63 -22.13 -5.40
N ARG A 114 -8.59 -21.30 -5.31
CA ARG A 114 -7.21 -21.77 -5.36
C ARG A 114 -6.61 -22.09 -3.99
N ASP A 115 -7.45 -22.08 -2.96
CA ASP A 115 -7.00 -22.29 -1.57
C ASP A 115 -5.96 -21.25 -1.12
N GLU A 116 -6.09 -20.03 -1.65
CA GLU A 116 -5.18 -18.94 -1.31
C GLU A 116 -5.91 -17.87 -0.49
N TRP A 117 -7.07 -18.21 0.03
CA TRP A 117 -7.87 -17.31 0.87
C TRP A 117 -7.77 -17.76 2.33
N SER A 118 -7.07 -16.99 3.16
CA SER A 118 -6.82 -17.42 4.54
C SER A 118 -8.09 -17.83 5.30
N ASN A 119 -8.00 -18.94 6.04
CA ASN A 119 -9.07 -19.38 6.92
C ASN A 119 -9.35 -18.40 8.07
N GLU A 120 -8.45 -17.49 8.33
N GLU A 120 -8.39 -17.52 8.35
CA GLU A 120 -8.67 -16.47 9.33
CA GLU A 120 -8.57 -16.44 9.33
C GLU A 120 -9.72 -15.44 8.92
C GLU A 120 -9.75 -15.52 8.94
N ARG A 121 -9.96 -15.34 7.64
CA ARG A 121 -10.93 -14.38 7.15
C ARG A 121 -12.37 -14.80 7.48
N PRO A 122 -13.09 -13.93 8.19
CA PRO A 122 -14.38 -14.35 8.79
C PRO A 122 -15.60 -14.12 7.90
N PHE A 123 -15.41 -13.61 6.69
CA PHE A 123 -16.51 -13.25 5.80
C PHE A 123 -17.24 -14.43 5.16
N VAL A 124 -18.57 -14.37 5.13
CA VAL A 124 -19.29 -15.00 4.04
C VAL A 124 -18.93 -14.22 2.78
N VAL A 125 -18.49 -14.90 1.71
CA VAL A 125 -18.15 -14.19 0.47
C VAL A 125 -19.06 -14.68 -0.65
N LEU A 126 -19.85 -13.77 -1.20
CA LEU A 126 -20.74 -14.12 -2.31
C LEU A 126 -20.29 -13.40 -3.57
N SER A 127 -20.20 -14.13 -4.68
CA SER A 127 -19.71 -13.55 -5.92
C SER A 127 -20.72 -13.79 -7.04
N PRO A 128 -21.69 -12.86 -7.21
CA PRO A 128 -22.73 -13.07 -8.22
C PRO A 128 -22.26 -12.81 -9.64
N GLN A 129 -22.89 -13.47 -10.61
CA GLN A 129 -22.54 -13.23 -12.01
C GLN A 129 -23.57 -12.30 -12.63
N HIS A 130 -23.07 -11.28 -13.32
CA HIS A 130 -23.91 -10.37 -14.05
C HIS A 130 -24.10 -10.88 -15.48
N ALA A 131 -25.36 -10.92 -15.93
CA ALA A 131 -25.68 -11.41 -17.27
C ALA A 131 -25.90 -10.22 -18.19
N GLY A 132 -25.59 -10.37 -19.46
CA GLY A 132 -25.78 -9.26 -20.38
C GLY A 132 -24.46 -8.61 -20.78
N GLY A 133 -24.53 -7.40 -21.34
CA GLY A 133 -23.38 -6.86 -22.03
C GLY A 133 -22.52 -5.81 -21.33
N GLY A 134 -23.02 -5.22 -20.25
CA GLY A 134 -22.35 -4.09 -19.60
C GLY A 134 -22.16 -4.32 -18.11
N CYS A 135 -22.21 -3.25 -17.31
CA CYS A 135 -22.01 -3.34 -15.85
C CYS A 135 -23.33 -3.67 -15.13
N PRO A 136 -23.23 -4.31 -13.95
CA PRO A 136 -24.42 -4.56 -13.14
C PRO A 136 -25.07 -3.23 -12.74
N SER A 137 -26.39 -3.22 -12.65
CA SER A 137 -27.13 -2.01 -12.34
C SER A 137 -27.26 -1.78 -10.83
N ALA A 138 -27.59 -0.54 -10.45
CA ALA A 138 -27.79 -0.18 -9.06
C ALA A 138 -28.83 -1.08 -8.38
N ASP A 139 -29.93 -1.33 -9.08
CA ASP A 139 -31.03 -2.11 -8.52
C ASP A 139 -30.68 -3.59 -8.47
N GLU A 140 -29.92 -4.08 -9.44
CA GLU A 140 -29.46 -5.46 -9.41
C GLU A 140 -28.61 -5.72 -8.16
N ILE A 141 -27.73 -4.77 -7.85
CA ILE A 141 -26.87 -4.90 -6.69
C ILE A 141 -27.69 -4.77 -5.40
N ARG A 142 -28.64 -3.83 -5.37
CA ARG A 142 -29.55 -3.71 -4.22
C ARG A 142 -30.29 -5.03 -3.97
N ASP A 143 -30.88 -5.58 -5.03
CA ASP A 143 -31.70 -6.77 -4.88
C ASP A 143 -30.84 -7.94 -4.40
N PHE A 144 -29.63 -8.07 -4.91
CA PHE A 144 -28.80 -9.19 -4.50
C PHE A 144 -28.33 -9.03 -3.05
N LEU A 145 -28.02 -7.80 -2.65
CA LEU A 145 -27.71 -7.57 -1.24
C LEU A 145 -28.91 -7.91 -0.33
N ALA A 146 -30.13 -7.60 -0.78
CA ALA A 146 -31.32 -7.94 0.00
C ALA A 146 -31.46 -9.45 0.12
N PHE A 147 -31.29 -10.15 -1.00
CA PHE A 147 -31.28 -11.60 -0.99
C PHE A 147 -30.25 -12.16 -0.01
N ALA A 148 -29.04 -11.60 -0.05
CA ALA A 148 -27.93 -12.14 0.75
C ALA A 148 -28.24 -12.06 2.24
N VAL A 149 -28.72 -10.90 2.65
CA VAL A 149 -29.01 -10.65 4.06
C VAL A 149 -30.20 -11.49 4.52
N ASP A 150 -31.15 -11.72 3.61
N ASP A 150 -31.16 -11.72 3.63
CA ASP A 150 -32.35 -12.49 3.93
CA ASP A 150 -32.33 -12.52 4.00
C ASP A 150 -32.11 -14.01 3.87
C ASP A 150 -31.98 -14.00 4.10
N THR A 151 -30.96 -14.41 3.37
CA THR A 151 -30.65 -15.85 3.19
C THR A 151 -29.57 -16.43 4.11
N TYR A 152 -28.57 -15.62 4.44
CA TYR A 152 -27.39 -16.10 5.16
C TYR A 152 -27.36 -15.60 6.60
N GLU A 153 -26.66 -16.32 7.47
CA GLU A 153 -26.53 -15.91 8.86
C GLU A 153 -25.43 -14.87 9.00
N VAL A 154 -25.77 -13.63 8.67
CA VAL A 154 -24.76 -12.60 8.60
C VAL A 154 -25.01 -11.50 9.61
N ASP A 155 -23.92 -10.84 9.99
CA ASP A 155 -23.98 -9.69 10.86
C ASP A 155 -24.31 -8.46 10.03
N GLU A 156 -25.54 -7.95 10.20
CA GLU A 156 -26.00 -6.88 9.33
C GLU A 156 -25.32 -5.56 9.61
N SER A 157 -24.56 -5.47 10.71
CA SER A 157 -23.76 -4.28 10.97
C SER A 157 -22.42 -4.34 10.20
N ARG A 158 -22.15 -5.45 9.53
CA ARG A 158 -20.88 -5.60 8.82
C ARG A 158 -21.09 -6.20 7.44
N ILE A 159 -21.81 -5.46 6.61
CA ILE A 159 -22.01 -5.82 5.20
C ILE A 159 -21.06 -4.99 4.33
N TYR A 160 -20.19 -5.68 3.59
CA TYR A 160 -19.15 -5.03 2.75
C TYR A 160 -19.39 -5.27 1.26
N LEU A 161 -19.25 -4.21 0.49
CA LEU A 161 -19.46 -4.27 -0.96
C LEU A 161 -18.12 -4.07 -1.65
N THR A 162 -17.78 -4.91 -2.61
CA THR A 162 -16.51 -4.69 -3.30
C THR A 162 -16.63 -5.10 -4.77
N GLY A 163 -15.84 -4.49 -5.64
CA GLY A 163 -15.87 -4.90 -7.03
C GLY A 163 -14.71 -4.34 -7.80
N LEU A 164 -14.51 -4.86 -9.00
CA LEU A 164 -13.46 -4.38 -9.89
C LEU A 164 -14.07 -4.02 -11.24
N 2ZC A 165 -13.56 -2.94 -11.84
CA 2ZC A 165 -13.96 -2.55 -13.20
CB 2ZC A 165 -13.42 -3.61 -14.16
OG 2ZC A 165 -13.44 -3.10 -15.48
SD 2ZC A 165 -13.97 -3.98 -16.70
OD2 2ZC A 165 -15.23 -4.65 -16.47
OD1 2ZC A 165 -12.96 -4.84 -17.28
C 2ZC A 165 -15.48 -2.36 -13.25
O 2ZC A 165 -16.00 -1.57 -12.45
N CYS A 166 -16.17 -3.07 -14.13
CA CYS A 166 -17.64 -2.96 -14.18
C CYS A 166 -18.27 -3.19 -12.82
N GLY A 167 -17.70 -4.12 -12.07
CA GLY A 167 -18.25 -4.41 -10.75
C GLY A 167 -18.12 -3.22 -9.81
N ALA A 168 -17.02 -2.46 -9.94
CA ALA A 168 -16.87 -1.21 -9.19
C ALA A 168 -17.77 -0.09 -9.74
N ILE A 169 -17.87 0.02 -11.06
CA ILE A 169 -18.75 1.01 -11.69
C ILE A 169 -20.17 0.79 -11.18
N GLY A 170 -20.62 -0.46 -11.17
CA GLY A 170 -21.97 -0.75 -10.72
C GLY A 170 -22.14 -0.40 -9.24
N SER A 171 -21.13 -0.72 -8.44
CA SER A 171 -21.19 -0.47 -7.00
C SER A 171 -21.25 1.02 -6.72
N TRP A 172 -20.49 1.81 -7.48
CA TRP A 172 -20.58 3.27 -7.35
C TRP A 172 -21.99 3.74 -7.70
N ASN A 173 -22.55 3.19 -8.77
CA ASN A 173 -23.90 3.61 -9.18
C ASN A 173 -24.95 3.17 -8.16
N TYR A 174 -24.67 2.02 -7.53
CA TYR A 174 -25.53 1.54 -6.46
C TYR A 174 -25.58 2.55 -5.31
N LEU A 175 -24.40 3.05 -4.94
CA LEU A 175 -24.32 4.06 -3.89
C LEU A 175 -25.01 5.35 -4.32
N ARG A 176 -24.88 5.71 -5.59
CA ARG A 176 -25.53 6.93 -6.06
C ARG A 176 -27.05 6.83 -5.93
N ALA A 177 -27.59 5.66 -6.25
CA ALA A 177 -29.04 5.48 -6.26
C ALA A 177 -29.59 5.27 -4.87
N HIS A 178 -28.82 4.58 -4.03
CA HIS A 178 -29.36 4.03 -2.78
C HIS A 178 -28.61 4.47 -1.52
N LEU A 179 -27.85 5.56 -1.61
CA LEU A 179 -27.11 6.11 -0.46
C LEU A 179 -27.98 6.25 0.79
N ASP A 180 -29.18 6.81 0.65
CA ASP A 180 -30.01 7.09 1.81
C ASP A 180 -30.59 5.83 2.46
N THR A 181 -30.56 4.69 1.79
CA THR A 181 -31.14 3.48 2.37
C THR A 181 -30.15 2.33 2.47
N THR A 182 -28.96 2.48 1.91
CA THR A 182 -28.03 1.35 1.89
C THR A 182 -27.68 0.85 3.29
N PRO A 183 -27.72 -0.47 3.47
CA PRO A 183 -27.30 -1.10 4.72
C PRO A 183 -25.78 -1.32 4.82
N ILE A 184 -24.99 -1.01 3.79
CA ILE A 184 -23.59 -1.46 3.82
C ILE A 184 -22.76 -0.66 4.85
N ALA A 185 -21.73 -1.32 5.37
CA ALA A 185 -20.80 -0.73 6.33
C ALA A 185 -19.57 -0.12 5.69
N ALA A 186 -19.19 -0.59 4.50
CA ALA A 186 -17.99 -0.08 3.80
C ALA A 186 -17.89 -0.68 2.41
N ALA A 187 -17.10 -0.04 1.54
CA ALA A 187 -16.85 -0.55 0.20
C ALA A 187 -15.37 -0.43 -0.19
N VAL A 188 -14.92 -1.39 -1.00
CA VAL A 188 -13.60 -1.35 -1.59
C VAL A 188 -13.83 -1.42 -3.09
N LEU A 189 -13.53 -0.34 -3.78
CA LEU A 189 -13.95 -0.19 -5.18
C LEU A 189 -12.73 0.02 -6.03
N ILE A 190 -12.48 -0.91 -6.95
CA ILE A 190 -11.22 -0.89 -7.70
C ILE A 190 -11.46 -0.64 -9.19
N ALA A 191 -10.79 0.38 -9.73
CA ALA A 191 -10.77 0.67 -11.19
C ALA A 191 -12.18 0.96 -11.71
N GLY A 192 -12.95 1.69 -10.90
CA GLY A 192 -14.31 2.07 -11.26
C GLY A 192 -14.41 3.55 -11.51
N ASN A 193 -15.65 4.05 -11.56
CA ASN A 193 -15.90 5.44 -11.81
C ASN A 193 -16.97 5.92 -10.84
N GLY A 194 -16.56 6.69 -9.84
CA GLY A 194 -17.48 7.25 -8.87
C GLY A 194 -17.76 8.73 -9.07
N ARG A 195 -17.36 9.28 -10.22
CA ARG A 195 -17.61 10.70 -10.44
C ARG A 195 -19.11 11.05 -10.43
N PRO A 196 -19.97 10.27 -11.12
CA PRO A 196 -21.40 10.60 -11.02
C PRO A 196 -21.93 10.54 -9.57
N ALA A 197 -21.54 9.52 -8.82
CA ALA A 197 -22.01 9.41 -7.43
C ALA A 197 -21.62 10.61 -6.57
N PHE A 198 -20.35 11.02 -6.67
CA PHE A 198 -19.89 12.15 -5.88
C PHE A 198 -20.43 13.47 -6.41
N ASN A 199 -20.56 13.60 -7.73
CA ASN A 199 -21.13 14.82 -8.30
C ASN A 199 -22.56 14.99 -7.80
N ASP A 200 -23.28 13.89 -7.70
CA ASP A 200 -24.66 13.88 -7.23
C ASP A 200 -24.76 14.25 -5.73
N HIS A 201 -23.98 13.59 -4.89
CA HIS A 201 -24.19 13.65 -3.45
C HIS A 201 -23.21 14.50 -2.66
N GLY A 202 -22.02 14.74 -3.21
CA GLY A 202 -20.98 15.47 -2.48
C GLY A 202 -20.69 14.85 -1.12
N CYS A 203 -20.56 15.66 -0.09
CA CYS A 203 -20.11 15.12 1.19
C CYS A 203 -21.14 14.22 1.86
N ASP A 204 -22.37 14.19 1.35
CA ASP A 204 -23.33 13.19 1.85
C ASP A 204 -22.81 11.78 1.63
N LEU A 205 -22.09 11.58 0.52
CA LEU A 205 -21.53 10.28 0.22
C LEU A 205 -20.42 9.91 1.21
N ALA A 206 -19.83 10.91 1.85
CA ALA A 206 -18.70 10.66 2.75
C ALA A 206 -19.13 9.97 4.06
N GLN A 207 -20.42 9.74 4.22
CA GLN A 207 -20.90 8.99 5.37
C GLN A 207 -20.71 7.47 5.21
N VAL A 208 -20.39 7.04 3.99
CA VAL A 208 -20.05 5.65 3.73
C VAL A 208 -18.52 5.50 3.62
N PRO A 209 -17.92 4.60 4.40
CA PRO A 209 -16.46 4.43 4.29
C PRO A 209 -16.11 3.77 2.98
N ILE A 210 -15.22 4.38 2.21
CA ILE A 210 -14.82 3.83 0.92
C ILE A 210 -13.28 3.84 0.78
N TRP A 211 -12.74 2.74 0.27
CA TRP A 211 -11.33 2.71 -0.13
C TRP A 211 -11.31 2.47 -1.65
N GLY A 212 -10.88 3.48 -2.39
CA GLY A 212 -10.83 3.39 -3.84
C GLY A 212 -9.41 3.11 -4.29
N PHE A 213 -9.28 2.28 -5.33
CA PHE A 213 -7.97 1.87 -5.88
C PHE A 213 -7.97 2.09 -7.38
N HIS A 214 -6.85 2.55 -7.96
CA HIS A 214 -6.83 2.68 -9.42
C HIS A 214 -5.36 2.70 -9.88
N GLY A 215 -5.07 2.15 -11.06
CA GLY A 215 -3.73 2.32 -11.62
C GLY A 215 -3.73 3.62 -12.43
N ASP A 216 -2.67 4.42 -12.33
CA ASP A 216 -2.77 5.73 -12.98
C ASP A 216 -2.47 5.69 -14.47
N ALA A 217 -2.17 4.51 -14.99
CA ALA A 217 -1.98 4.35 -16.44
C ALA A 217 -3.09 3.54 -17.07
N ASP A 218 -4.20 3.44 -16.38
CA ASP A 218 -5.35 2.66 -16.86
C ASP A 218 -5.89 3.24 -18.19
N PRO A 219 -5.82 2.47 -19.29
CA PRO A 219 -6.27 2.96 -20.60
C PRO A 219 -7.71 2.56 -20.86
N THR A 220 -8.35 1.97 -19.87
CA THR A 220 -9.66 1.39 -20.10
C THR A 220 -10.73 2.12 -19.26
N VAL A 221 -10.52 2.22 -17.95
CA VAL A 221 -11.32 3.10 -17.10
C VAL A 221 -10.41 4.23 -16.62
N ALA A 222 -10.71 5.47 -17.00
CA ALA A 222 -9.82 6.60 -16.66
C ALA A 222 -9.65 6.69 -15.15
N PRO A 223 -8.40 6.89 -14.69
CA PRO A 223 -8.16 6.85 -13.25
C PRO A 223 -8.79 8.02 -12.53
N ALA A 224 -9.17 9.09 -13.25
CA ALA A 224 -9.93 10.17 -12.62
C ALA A 224 -11.23 9.63 -12.00
N GLY A 225 -11.71 8.49 -12.54
CA GLY A 225 -12.93 7.88 -12.05
C GLY A 225 -12.87 7.53 -10.57
N THR A 226 -11.69 7.20 -10.07
CA THR A 226 -11.50 6.94 -8.65
C THR A 226 -10.87 8.14 -7.94
N ILE A 227 -9.92 8.79 -8.61
CA ILE A 227 -9.15 9.82 -7.92
C ILE A 227 -10.00 11.05 -7.57
N GLU A 228 -10.84 11.49 -8.52
N GLU A 228 -10.85 11.48 -8.49
CA GLU A 228 -11.66 12.68 -8.28
CA GLU A 228 -11.63 12.68 -8.25
C GLU A 228 -12.62 12.44 -7.11
C GLU A 228 -12.69 12.49 -7.15
N PRO A 229 -13.44 11.36 -7.16
CA PRO A 229 -14.35 11.23 -6.02
C PRO A 229 -13.62 10.95 -4.71
N MSE A 230 -12.53 10.20 -4.70
CA MSE A 230 -11.90 9.93 -3.41
C MSE A 230 -11.26 11.20 -2.88
O MSE A 230 -11.32 11.48 -1.67
CB MSE A 230 -10.84 8.80 -3.49
CG MSE A 230 -11.36 7.41 -3.80
SE MSE A 230 -12.90 6.89 -2.73
CE MSE A 230 -12.32 7.55 -0.97
N ASN A 231 -10.66 12.02 -3.75
CA ASN A 231 -10.14 13.29 -3.27
C ASN A 231 -11.24 14.16 -2.68
N GLY A 232 -12.40 14.18 -3.34
CA GLY A 232 -13.54 14.93 -2.84
C GLY A 232 -14.00 14.41 -1.48
N LEU A 233 -14.11 13.10 -1.36
CA LEU A 233 -14.59 12.50 -0.13
C LEU A 233 -13.60 12.73 1.01
N ILE A 234 -12.31 12.61 0.71
CA ILE A 234 -11.25 12.84 1.71
C ILE A 234 -11.29 14.30 2.18
N ALA A 235 -11.58 15.23 1.27
CA ALA A 235 -11.63 16.64 1.64
C ALA A 235 -12.87 17.00 2.47
N CYS A 236 -13.86 16.13 2.49
CA CYS A 236 -15.08 16.40 3.25
C CYS A 236 -14.78 16.51 4.74
N ALA A 237 -15.40 17.49 5.38
CA ALA A 237 -15.15 17.78 6.79
C ALA A 237 -15.59 16.65 7.72
N GLN A 238 -14.88 16.50 8.84
CA GLN A 238 -15.34 15.66 9.94
C GLN A 238 -16.57 16.31 10.56
N PRO A 239 -17.49 15.50 11.12
CA PRO A 239 -17.47 14.03 11.19
C PRO A 239 -17.84 13.37 9.87
N ARG A 240 -17.04 12.41 9.44
CA ARG A 240 -17.33 11.65 8.24
C ARG A 240 -16.69 10.27 8.39
N ALA A 241 -17.12 9.34 7.56
CA ALA A 241 -16.52 8.00 7.56
C ALA A 241 -15.08 8.08 7.06
N ASP A 242 -14.29 7.06 7.38
N ASP A 242 -14.29 7.05 7.35
CA ASP A 242 -12.94 6.91 6.85
CA ASP A 242 -12.92 6.93 6.85
C ASP A 242 -13.00 6.89 5.32
C ASP A 242 -12.95 6.83 5.33
N GLN A 243 -12.03 7.52 4.68
CA GLN A 243 -11.95 7.53 3.22
C GLN A 243 -10.49 7.29 2.82
N GLN A 244 -10.24 6.36 1.90
CA GLN A 244 -8.86 6.09 1.50
C GLN A 244 -8.72 5.98 0.00
N LEU A 245 -7.57 6.42 -0.50
CA LEU A 245 -7.33 6.36 -1.96
C LEU A 245 -5.95 5.75 -2.19
N THR A 246 -5.88 4.79 -3.09
CA THR A 246 -4.61 4.17 -3.42
C THR A 246 -4.43 4.26 -4.91
N VAL A 247 -3.34 4.91 -5.34
CA VAL A 247 -3.07 5.03 -6.78
C VAL A 247 -1.77 4.29 -7.07
N TYR A 248 -1.87 3.31 -7.95
CA TYR A 248 -0.70 2.52 -8.29
C TYR A 248 -0.01 3.19 -9.47
N GLU A 249 1.16 3.76 -9.25
CA GLU A 249 1.81 4.51 -10.33
C GLU A 249 2.39 3.62 -11.42
N GLY A 250 2.07 3.96 -12.67
CA GLY A 250 2.51 3.19 -13.82
C GLY A 250 1.72 1.93 -14.13
N VAL A 251 0.64 1.70 -13.38
CA VAL A 251 -0.09 0.44 -13.47
C VAL A 251 -1.33 0.65 -14.38
N GLY A 252 -1.63 -0.33 -15.21
CA GLY A 252 -2.75 -0.25 -16.14
C GLY A 252 -4.08 -0.66 -15.52
N HIS A 253 -4.93 -1.31 -16.32
CA HIS A 253 -6.30 -1.53 -15.88
C HIS A 253 -6.35 -2.55 -14.73
N ASP A 254 -5.50 -3.58 -14.74
CA ASP A 254 -5.53 -4.53 -13.62
C ASP A 254 -4.86 -3.96 -12.37
N SER A 255 -5.64 -3.26 -11.59
CA SER A 255 -5.22 -2.79 -10.30
C SER A 255 -5.86 -3.66 -9.22
N TRP A 256 -6.64 -4.69 -9.61
CA TRP A 256 -7.30 -5.53 -8.61
C TRP A 256 -6.47 -6.72 -8.10
N SER A 257 -5.66 -7.33 -8.97
N SER A 257 -5.63 -7.31 -8.96
CA SER A 257 -4.92 -8.52 -8.55
CA SER A 257 -4.93 -8.54 -8.54
C SER A 257 -4.04 -8.19 -7.33
C SER A 257 -3.88 -8.30 -7.45
N ARG A 258 -3.27 -7.11 -7.43
CA ARG A 258 -2.35 -6.76 -6.35
C ARG A 258 -3.09 -6.25 -5.12
N THR A 259 -4.35 -5.88 -5.32
CA THR A 259 -5.18 -5.41 -4.20
C THR A 259 -5.77 -6.60 -3.45
N TYR A 260 -6.52 -7.46 -4.15
CA TYR A 260 -7.20 -8.56 -3.44
C TYR A 260 -6.21 -9.64 -2.95
N SER A 261 -5.07 -9.79 -3.61
CA SER A 261 -4.10 -10.81 -3.20
C SER A 261 -3.21 -10.34 -2.05
N LEU A 262 -3.28 -9.06 -1.72
CA LEU A 262 -2.34 -8.38 -0.79
C LEU A 262 -0.86 -8.38 -1.24
N SER A 263 -0.58 -8.67 -2.50
CA SER A 263 0.80 -8.56 -2.97
C SER A 263 1.28 -7.09 -2.91
N ALA A 264 0.36 -6.13 -3.01
CA ALA A 264 0.74 -4.70 -2.90
C ALA A 264 0.74 -4.20 -1.45
N GLY A 265 0.38 -5.05 -0.51
CA GLY A 265 0.51 -4.71 0.90
C GLY A 265 -0.55 -3.76 1.45
N HIS A 266 -1.68 -3.62 0.74
CA HIS A 266 -2.82 -2.86 1.25
C HIS A 266 -3.86 -3.80 1.87
N ASP A 267 -3.93 -3.83 3.20
CA ASP A 267 -4.77 -4.87 3.82
C ASP A 267 -6.21 -4.41 3.86
N ILE A 268 -6.88 -4.62 2.73
CA ILE A 268 -8.26 -4.21 2.60
C ILE A 268 -9.18 -5.00 3.53
N TYR A 269 -8.80 -6.22 3.90
CA TYR A 269 -9.66 -7.06 4.76
C TYR A 269 -9.69 -6.52 6.21
N ALA A 270 -8.52 -6.20 6.75
CA ALA A 270 -8.46 -5.60 8.06
C ALA A 270 -9.23 -4.27 8.07
N TRP A 271 -9.08 -3.48 7.01
CA TRP A 271 -9.75 -2.19 6.92
C TRP A 271 -11.27 -2.36 6.90
N LEU A 272 -11.77 -3.27 6.06
CA LEU A 272 -13.21 -3.55 6.03
C LEU A 272 -13.70 -3.90 7.43
N LEU A 273 -13.04 -4.85 8.06
CA LEU A 273 -13.49 -5.33 9.37
C LEU A 273 -13.41 -4.24 10.44
N SER A 274 -12.63 -3.20 10.21
CA SER A 274 -12.61 -2.09 11.16
C SER A 274 -13.85 -1.19 11.00
N GLN A 275 -14.63 -1.40 9.96
CA GLN A 275 -15.83 -0.60 9.72
C GLN A 275 -17.09 -1.35 10.11
N SER A 276 -18.08 -0.64 10.65
CA SER A 276 -19.35 -1.26 10.95
C SER A 276 -20.43 -0.19 11.10
N ARG A 277 -21.70 -0.61 10.97
CA ARG A 277 -22.82 0.30 11.13
C ARG A 277 -23.26 0.44 12.60
N ASP B 45 12.85 26.15 -12.89
CA ASP B 45 13.54 24.98 -13.45
C ASP B 45 12.60 23.82 -13.68
N ASP B 46 12.21 23.58 -14.93
CA ASP B 46 11.37 22.42 -15.21
C ASP B 46 12.13 21.33 -15.97
N ARG B 47 13.46 21.40 -15.95
CA ARG B 47 14.24 20.30 -16.50
C ARG B 47 13.97 19.04 -15.70
N PRO B 48 13.98 17.89 -16.37
CA PRO B 48 13.76 16.61 -15.68
C PRO B 48 14.87 16.31 -14.66
N SER B 49 14.64 15.32 -13.80
CA SER B 49 15.46 15.13 -12.62
C SER B 49 16.94 14.87 -12.93
N SER B 50 17.23 14.16 -14.02
CA SER B 50 18.62 13.79 -14.27
C SER B 50 19.49 15.02 -14.54
N ALA B 51 18.87 16.13 -14.91
CA ALA B 51 19.57 17.37 -15.16
C ALA B 51 20.21 17.95 -13.89
N ARG B 52 19.69 17.55 -12.73
CA ARG B 52 20.23 18.04 -11.45
C ARG B 52 20.87 16.91 -10.64
N LEU B 53 21.25 15.84 -11.32
CA LEU B 53 21.96 14.73 -10.72
C LEU B 53 23.45 14.86 -10.99
N SER B 54 24.25 14.88 -9.93
CA SER B 54 25.71 15.09 -10.07
C SER B 54 26.51 14.04 -9.29
N VAL B 55 27.57 13.52 -9.90
CA VAL B 55 28.43 12.57 -9.23
C VAL B 55 29.40 13.33 -8.32
N ARG B 56 29.56 12.85 -7.09
CA ARG B 56 30.53 13.44 -6.16
C ARG B 56 31.50 12.36 -5.68
N ALA B 57 32.56 12.13 -6.45
CA ALA B 57 33.44 11.00 -6.18
C ALA B 57 34.17 11.17 -4.86
N LEU B 58 34.55 10.05 -4.27
CA LEU B 58 35.26 10.06 -3.02
C LEU B 58 36.52 10.91 -3.16
N ASP B 59 36.77 11.72 -2.12
CA ASP B 59 37.94 12.60 -2.00
C ASP B 59 37.82 13.86 -2.86
N THR B 60 36.63 14.09 -3.42
CA THR B 60 36.36 15.37 -4.07
C THR B 60 35.51 16.25 -3.14
N THR B 61 35.10 15.70 -2.00
CA THR B 61 34.40 16.45 -0.96
C THR B 61 34.91 16.06 0.43
N GLU B 62 34.37 16.74 1.46
N GLU B 62 34.39 16.71 1.47
CA GLU B 62 34.67 16.42 2.86
CA GLU B 62 34.74 16.35 2.83
C GLU B 62 34.07 15.07 3.31
C GLU B 62 34.11 15.04 3.31
N ALA B 63 33.18 14.49 2.53
CA ALA B 63 32.45 13.27 2.95
C ALA B 63 33.36 12.02 3.02
N GLY B 64 32.97 11.04 3.83
CA GLY B 64 33.70 9.78 3.90
C GLY B 64 33.26 8.78 2.84
N ASN B 65 32.34 9.21 1.98
CA ASN B 65 31.79 8.37 0.92
C ASN B 65 31.74 9.13 -0.38
N GLY B 66 31.97 8.46 -1.49
CA GLY B 66 31.54 9.01 -2.75
C GLY B 66 30.02 8.91 -2.77
N PHE B 67 29.35 9.82 -3.47
CA PHE B 67 27.89 9.79 -3.50
C PHE B 67 27.32 10.48 -4.71
N TRP B 68 26.04 10.20 -4.96
CA TRP B 68 25.26 10.91 -5.96
C TRP B 68 24.49 12.03 -5.28
N GLU B 69 24.51 13.19 -5.89
CA GLU B 69 23.85 14.38 -5.39
C GLU B 69 22.73 14.77 -6.34
N TYR B 70 21.50 14.79 -5.83
CA TYR B 70 20.37 15.32 -6.57
C TYR B 70 19.85 16.55 -5.86
N LEU B 71 19.73 17.65 -6.60
CA LEU B 71 19.16 18.89 -6.07
C LEU B 71 17.78 19.14 -6.66
N PRO B 72 16.81 19.55 -5.80
CA PRO B 72 15.46 19.81 -6.28
C PRO B 72 15.39 21.12 -7.04
N PRO B 73 14.32 21.32 -7.84
CA PRO B 73 14.18 22.53 -8.64
C PRO B 73 14.35 23.83 -7.87
N ARG B 74 13.87 23.90 -6.63
CA ARG B 74 13.91 25.15 -5.89
C ARG B 74 15.08 25.26 -4.90
N TYR B 75 16.09 24.41 -5.09
CA TYR B 75 17.22 24.38 -4.18
C TYR B 75 17.84 25.77 -4.01
N GLY B 76 18.10 26.14 -2.76
CA GLY B 76 18.65 27.45 -2.46
C GLY B 76 17.64 28.50 -2.05
N ALA B 77 16.43 28.47 -2.63
CA ALA B 77 15.42 29.48 -2.33
C ALA B 77 15.04 29.45 -0.85
N GLU B 78 14.81 28.25 -0.33
N GLU B 78 14.85 28.24 -0.32
CA GLU B 78 14.50 28.03 1.09
CA GLU B 78 14.57 28.03 1.08
C GLU B 78 15.17 26.71 1.49
C GLU B 78 15.17 26.69 1.50
N PRO B 79 15.44 26.53 2.80
CA PRO B 79 16.02 25.25 3.26
C PRO B 79 15.19 24.04 2.82
N ALA B 80 15.82 23.09 2.16
CA ALA B 80 15.10 21.95 1.56
C ALA B 80 15.09 20.75 2.49
N PRO B 81 14.01 19.95 2.46
CA PRO B 81 14.10 18.69 3.20
C PRO B 81 15.20 17.81 2.61
N LEU B 82 15.77 16.96 3.44
CA LEU B 82 16.93 16.16 3.03
C LEU B 82 16.57 14.68 3.12
N MSE B 83 16.92 13.93 2.06
CA MSE B 83 16.80 12.49 2.09
C MSE B 83 18.17 11.84 1.79
O MSE B 83 18.81 12.14 0.77
CB MSE B 83 15.77 12.01 1.05
CG MSE B 83 15.60 10.49 1.01
SE MSE B 83 14.52 9.93 -0.55
CE MSE B 83 12.93 10.94 -0.13
N VAL B 84 18.62 10.99 2.70
CA VAL B 84 19.84 10.22 2.46
C VAL B 84 19.43 8.76 2.34
N PHE B 85 19.81 8.17 1.20
CA PHE B 85 19.44 6.83 0.79
C PHE B 85 20.65 5.90 0.79
N TRP B 86 20.53 4.74 1.46
CA TRP B 86 21.64 3.76 1.47
C TRP B 86 21.29 2.50 0.68
N HIS B 87 22.17 2.12 -0.24
CA HIS B 87 21.87 1.10 -1.23
C HIS B 87 22.08 -0.33 -0.68
N GLY B 88 21.81 -1.32 -1.52
CA GLY B 88 21.98 -2.72 -1.13
C GLY B 88 23.39 -3.21 -1.43
N ILE B 89 23.71 -4.41 -0.95
CA ILE B 89 25.10 -4.93 -0.98
C ILE B 89 25.61 -5.06 -2.41
N GLY B 90 24.69 -5.25 -3.36
CA GLY B 90 25.05 -5.47 -4.76
C GLY B 90 25.70 -4.24 -5.37
N GLU B 91 25.49 -3.09 -4.74
CA GLU B 91 25.99 -1.84 -5.31
C GLU B 91 27.17 -1.25 -4.51
N ASN B 92 27.79 -2.05 -3.64
CA ASN B 92 29.01 -1.60 -2.90
C ASN B 92 30.12 -1.29 -3.87
N GLY B 93 30.96 -0.32 -3.54
CA GLY B 93 32.07 0.03 -4.41
C GLY B 93 32.94 1.09 -3.81
N ASP B 94 34.04 1.44 -4.49
CA ASP B 94 35.08 2.23 -3.84
C ASP B 94 34.82 3.73 -3.84
N GLY B 95 33.66 4.13 -4.35
CA GLY B 95 33.25 5.53 -4.30
C GLY B 95 33.82 6.39 -5.42
N SER B 96 34.59 5.77 -6.31
CA SER B 96 35.10 6.48 -7.47
C SER B 96 33.94 6.78 -8.42
N GLU B 97 34.18 7.70 -9.34
CA GLU B 97 33.17 8.03 -10.34
C GLU B 97 32.68 6.79 -11.08
N ALA B 98 33.60 5.90 -11.45
CA ALA B 98 33.23 4.69 -12.19
C ALA B 98 32.41 3.75 -11.29
N ALA B 99 32.87 3.51 -10.08
CA ALA B 99 32.17 2.60 -9.17
C ALA B 99 30.78 3.15 -8.86
N LEU B 100 30.64 4.47 -8.85
CA LEU B 100 29.39 5.06 -8.39
C LEU B 100 28.24 4.72 -9.33
N ASP B 101 28.54 4.38 -10.58
N ASP B 101 28.57 4.37 -10.58
CA ASP B 101 27.44 4.04 -11.49
CA ASP B 101 27.52 3.96 -11.54
C ASP B 101 26.63 2.83 -11.00
C ASP B 101 26.63 2.86 -10.98
N LYS B 102 27.22 1.95 -10.20
CA LYS B 102 26.48 0.83 -9.62
C LYS B 102 25.30 1.31 -8.77
N VAL B 103 25.50 2.41 -8.05
CA VAL B 103 24.48 2.89 -7.11
C VAL B 103 23.21 3.33 -7.85
N LEU B 104 23.30 3.53 -9.16
CA LEU B 104 22.11 3.93 -9.91
C LEU B 104 21.15 2.74 -10.14
N ALA B 105 21.52 1.54 -9.70
CA ALA B 105 20.71 0.35 -9.99
C ALA B 105 19.30 0.40 -9.38
N ASN B 106 19.19 0.88 -8.14
CA ASN B 106 17.94 0.79 -7.37
C ASN B 106 17.62 2.06 -6.61
N GLY B 107 16.35 2.21 -6.22
CA GLY B 107 16.03 3.25 -5.24
C GLY B 107 15.95 4.63 -5.89
N PRO B 108 15.84 5.68 -5.06
CA PRO B 108 15.76 7.05 -5.58
C PRO B 108 16.76 7.39 -6.70
N PRO B 109 18.07 7.04 -6.58
CA PRO B 109 18.96 7.51 -7.65
C PRO B 109 18.65 6.84 -9.01
N ARG B 110 18.08 5.64 -8.98
CA ARG B 110 17.60 5.01 -10.21
C ARG B 110 16.55 5.88 -10.90
N TYR B 111 15.53 6.30 -10.14
CA TYR B 111 14.39 7.03 -10.72
C TYR B 111 14.84 8.43 -11.11
N ILE B 112 15.72 9.02 -10.31
CA ILE B 112 16.28 10.33 -10.65
C ILE B 112 17.04 10.29 -11.96
N GLU B 113 17.88 9.28 -12.12
CA GLU B 113 18.70 9.24 -13.32
C GLU B 113 17.84 8.98 -14.58
N ARG B 114 16.72 8.29 -14.42
CA ARG B 114 15.85 7.97 -15.55
C ARG B 114 14.77 9.00 -15.83
N ASP B 115 14.80 10.13 -15.12
CA ASP B 115 13.83 11.21 -15.27
C ASP B 115 12.44 10.74 -14.85
N GLU B 116 12.41 9.86 -13.86
CA GLU B 116 11.16 9.31 -13.34
C GLU B 116 10.90 9.80 -11.92
N TRP B 117 11.67 10.79 -11.52
CA TRP B 117 11.55 11.39 -10.18
C TRP B 117 10.85 12.75 -10.31
N SER B 118 9.60 12.84 -9.87
CA SER B 118 8.81 14.06 -10.09
C SER B 118 9.53 15.34 -9.67
N ASN B 119 9.49 16.38 -10.51
CA ASN B 119 10.02 17.69 -10.12
C ASN B 119 9.30 18.32 -8.93
N GLU B 120 8.10 17.85 -8.60
CA GLU B 120 7.38 18.35 -7.44
C GLU B 120 8.01 17.91 -6.10
N ARG B 121 8.85 16.88 -6.12
CA ARG B 121 9.46 16.40 -4.88
C ARG B 121 10.54 17.39 -4.40
N PRO B 122 10.44 17.85 -3.15
CA PRO B 122 11.27 18.97 -2.71
C PRO B 122 12.63 18.57 -2.10
N PHE B 123 12.93 17.28 -2.00
CA PHE B 123 14.11 16.80 -1.28
C PHE B 123 15.43 17.03 -2.01
N VAL B 124 16.46 17.44 -1.28
CA VAL B 124 17.83 17.12 -1.69
C VAL B 124 17.93 15.62 -1.47
N VAL B 125 18.43 14.87 -2.46
CA VAL B 125 18.57 13.42 -2.31
C VAL B 125 20.03 13.03 -2.48
N LEU B 126 20.63 12.49 -1.42
CA LEU B 126 22.04 12.06 -1.46
C LEU B 126 22.12 10.55 -1.32
N SER B 127 22.91 9.92 -2.20
CA SER B 127 23.00 8.47 -2.25
C SER B 127 24.47 8.05 -2.15
N PRO B 128 24.98 7.87 -0.93
CA PRO B 128 26.39 7.49 -0.77
C PRO B 128 26.67 6.03 -1.12
N GLN B 129 27.87 5.76 -1.62
CA GLN B 129 28.29 4.38 -1.86
C GLN B 129 29.07 3.82 -0.67
N HIS B 130 28.66 2.64 -0.20
CA HIS B 130 29.40 1.94 0.85
C HIS B 130 30.55 1.13 0.24
N ALA B 131 31.76 1.25 0.79
CA ALA B 131 32.95 0.69 0.16
C ALA B 131 33.38 -0.67 0.72
N GLY B 132 32.75 -1.09 1.80
CA GLY B 132 33.13 -2.34 2.45
C GLY B 132 32.48 -3.53 1.79
N GLY B 133 32.67 -4.70 2.39
CA GLY B 133 32.10 -5.92 1.85
C GLY B 133 30.73 -6.26 2.37
N GLY B 134 30.21 -5.49 3.32
CA GLY B 134 28.95 -5.80 3.97
C GLY B 134 28.01 -4.59 3.98
N CYS B 135 27.40 -4.32 5.14
CA CYS B 135 26.47 -3.19 5.26
C CYS B 135 27.21 -1.98 5.88
N PRO B 136 26.76 -0.77 5.56
CA PRO B 136 27.37 0.43 6.16
C PRO B 136 27.21 0.43 7.68
N SER B 137 28.18 0.98 8.40
CA SER B 137 28.11 0.99 9.84
C SER B 137 27.32 2.18 10.42
N ALA B 138 26.96 2.09 11.69
CA ALA B 138 26.22 3.16 12.34
C ALA B 138 27.00 4.48 12.26
N ASP B 139 28.29 4.41 12.53
CA ASP B 139 29.11 5.61 12.55
C ASP B 139 29.31 6.18 11.15
N GLU B 140 29.40 5.31 10.15
CA GLU B 140 29.52 5.76 8.78
C GLU B 140 28.27 6.57 8.38
N ILE B 141 27.10 6.06 8.75
CA ILE B 141 25.84 6.76 8.48
C ILE B 141 25.77 8.08 9.26
N ARG B 142 26.08 8.04 10.55
CA ARG B 142 26.17 9.26 11.35
C ARG B 142 27.06 10.33 10.71
N ASP B 143 28.26 9.93 10.32
CA ASP B 143 29.24 10.87 9.76
C ASP B 143 28.72 11.48 8.46
N PHE B 144 28.08 10.66 7.63
CA PHE B 144 27.59 11.17 6.35
C PHE B 144 26.42 12.12 6.56
N LEU B 145 25.54 11.82 7.52
CA LEU B 145 24.45 12.73 7.84
C LEU B 145 25.00 14.06 8.31
N ALA B 146 26.05 14.01 9.11
CA ALA B 146 26.69 15.22 9.62
C ALA B 146 27.26 16.05 8.48
N PHE B 147 27.97 15.37 7.58
CA PHE B 147 28.47 16.00 6.37
C PHE B 147 27.35 16.65 5.57
N ALA B 148 26.25 15.93 5.35
CA ALA B 148 25.17 16.42 4.52
C ALA B 148 24.59 17.71 5.09
N VAL B 149 24.33 17.70 6.40
CA VAL B 149 23.77 18.86 7.07
C VAL B 149 24.74 20.05 7.07
N ASP B 150 26.02 19.77 7.22
N ASP B 150 26.03 19.79 7.23
CA ASP B 150 27.03 20.83 7.24
CA ASP B 150 27.02 20.87 7.24
C ASP B 150 27.32 21.40 5.85
C ASP B 150 27.19 21.48 5.84
N THR B 151 26.92 20.69 4.81
CA THR B 151 27.28 21.06 3.44
C THR B 151 26.15 21.67 2.61
N TYR B 152 24.93 21.13 2.74
CA TYR B 152 23.83 21.55 1.87
C TYR B 152 22.86 22.49 2.56
N GLU B 153 22.06 23.20 1.77
N GLU B 153 22.09 23.24 1.77
CA GLU B 153 21.11 24.15 2.30
CA GLU B 153 21.11 24.14 2.33
C GLU B 153 19.81 23.39 2.62
C GLU B 153 19.83 23.38 2.62
N VAL B 154 19.80 22.75 3.79
CA VAL B 154 18.72 21.86 4.15
C VAL B 154 18.03 22.28 5.43
N ASP B 155 16.76 21.90 5.52
CA ASP B 155 15.91 22.14 6.67
C ASP B 155 16.19 21.06 7.69
N GLU B 156 16.90 21.37 8.77
CA GLU B 156 17.30 20.32 9.70
C GLU B 156 16.14 19.73 10.50
N SER B 157 14.95 20.31 10.38
CA SER B 157 13.75 19.71 11.02
C SER B 157 13.14 18.60 10.15
N ARG B 158 13.70 18.41 8.95
CA ARG B 158 13.17 17.44 7.99
C ARG B 158 14.29 16.65 7.30
N ILE B 159 15.04 15.93 8.12
CA ILE B 159 16.08 15.02 7.63
C ILE B 159 15.53 13.59 7.62
N TYR B 160 15.55 12.94 6.45
CA TYR B 160 14.91 11.65 6.29
C TYR B 160 15.94 10.61 5.90
N LEU B 161 15.87 9.46 6.57
CA LEU B 161 16.83 8.38 6.33
C LEU B 161 16.12 7.21 5.64
N THR B 162 16.71 6.65 4.59
CA THR B 162 16.02 5.54 3.94
C THR B 162 17.04 4.59 3.35
N GLY B 163 16.65 3.33 3.21
CA GLY B 163 17.59 2.38 2.64
C GLY B 163 16.92 1.07 2.33
N LEU B 164 17.60 0.23 1.54
CA LEU B 164 17.07 -1.08 1.21
C LEU B 164 18.14 -2.12 1.51
N 2ZC B 165 17.71 -3.27 1.96
CA 2ZC B 165 18.60 -4.44 2.21
CB 2ZC B 165 19.17 -5.05 0.91
OG 2ZC B 165 19.80 -6.31 1.12
SD 2ZC B 165 21.35 -6.66 0.84
C 2ZC B 165 19.72 -4.00 3.13
O 2ZC B 165 19.46 -3.42 4.14
N CYS B 166 20.96 -4.24 2.76
CA CYS B 166 22.09 -3.75 3.58
C CYS B 166 21.97 -2.30 4.04
N GLY B 167 21.43 -1.44 3.18
CA GLY B 167 21.25 -0.03 3.50
C GLY B 167 20.24 0.15 4.62
N ALA B 168 19.24 -0.73 4.65
CA ALA B 168 18.22 -0.69 5.68
C ALA B 168 18.77 -1.29 6.98
N ILE B 169 19.52 -2.39 6.84
CA ILE B 169 20.15 -3.01 8.01
C ILE B 169 21.08 -2.00 8.66
N GLY B 170 21.89 -1.33 7.84
CA GLY B 170 22.79 -0.29 8.39
C GLY B 170 22.02 0.83 9.06
N SER B 171 20.91 1.26 8.46
CA SER B 171 20.07 2.33 9.01
C SER B 171 19.46 1.93 10.35
N TRP B 172 18.99 0.69 10.43
CA TRP B 172 18.49 0.18 11.71
C TRP B 172 19.58 0.20 12.75
N ASN B 173 20.79 -0.21 12.35
CA ASN B 173 21.90 -0.26 13.29
C ASN B 173 22.34 1.14 13.70
N TYR B 174 22.22 2.08 12.78
CA TYR B 174 22.46 3.49 13.08
C TYR B 174 21.50 3.98 14.21
N LEU B 175 20.21 3.66 14.07
CA LEU B 175 19.23 4.03 15.10
C LEU B 175 19.57 3.35 16.43
N ARG B 176 20.03 2.10 16.36
CA ARG B 176 20.40 1.41 17.58
C ARG B 176 21.54 2.14 18.30
N ALA B 177 22.52 2.59 17.53
CA ALA B 177 23.70 3.21 18.16
C ALA B 177 23.43 4.65 18.56
N HIS B 178 22.60 5.35 17.78
CA HIS B 178 22.51 6.80 17.92
C HIS B 178 21.13 7.38 18.17
N LEU B 179 20.22 6.56 18.67
CA LEU B 179 18.84 6.99 18.95
C LEU B 179 18.82 8.26 19.78
N ASP B 180 19.64 8.31 20.82
CA ASP B 180 19.53 9.43 21.75
C ASP B 180 20.08 10.74 21.17
N THR B 181 20.84 10.68 20.07
CA THR B 181 21.36 11.91 19.47
C THR B 181 20.90 12.17 18.03
N THR B 182 20.18 11.24 17.43
CA THR B 182 19.91 11.36 15.99
C THR B 182 19.12 12.61 15.67
N PRO B 183 19.54 13.33 14.63
CA PRO B 183 18.76 14.48 14.18
C PRO B 183 17.60 14.10 13.22
N ILE B 184 17.41 12.84 12.85
CA ILE B 184 16.49 12.57 11.74
C ILE B 184 15.03 12.77 12.16
N ALA B 185 14.20 13.11 11.19
CA ALA B 185 12.79 13.30 11.42
C ALA B 185 11.95 12.02 11.16
N ALA B 186 12.44 11.13 10.31
CA ALA B 186 11.70 9.90 9.97
C ALA B 186 12.59 8.99 9.16
N ALA B 187 12.25 7.69 9.13
CA ALA B 187 12.95 6.71 8.30
C ALA B 187 11.99 5.81 7.54
N VAL B 188 12.39 5.42 6.34
CA VAL B 188 11.68 4.43 5.53
C VAL B 188 12.68 3.30 5.26
N LEU B 189 12.42 2.13 5.84
CA LEU B 189 13.45 1.08 5.93
C LEU B 189 12.90 -0.19 5.30
N ILE B 190 13.51 -0.64 4.23
CA ILE B 190 12.94 -1.72 3.40
C ILE B 190 13.83 -2.95 3.40
N ALA B 191 13.27 -4.08 3.78
CA ALA B 191 13.96 -5.37 3.77
C ALA B 191 15.22 -5.38 4.66
N GLY B 192 15.13 -4.78 5.83
CA GLY B 192 16.22 -4.77 6.79
C GLY B 192 15.90 -5.55 8.05
N ASN B 193 16.72 -5.37 9.08
CA ASN B 193 16.53 -6.10 10.32
C ASN B 193 16.61 -5.12 11.48
N GLY B 194 15.46 -4.79 12.05
CA GLY B 194 15.43 -3.90 13.19
C GLY B 194 15.30 -4.59 14.53
N ARG B 195 15.45 -5.91 14.54
CA ARG B 195 15.28 -6.60 15.81
C ARG B 195 16.34 -6.19 16.85
N PRO B 196 17.63 -6.11 16.47
CA PRO B 196 18.59 -5.63 17.48
C PRO B 196 18.26 -4.25 18.03
N ALA B 197 17.82 -3.34 17.15
CA ALA B 197 17.48 -2.00 17.62
C ALA B 197 16.29 -2.02 18.58
N PHE B 198 15.23 -2.74 18.22
CA PHE B 198 14.04 -2.76 19.10
C PHE B 198 14.28 -3.55 20.38
N ASN B 199 15.10 -4.59 20.30
CA ASN B 199 15.47 -5.35 21.49
C ASN B 199 16.24 -4.49 22.48
N ASP B 200 17.08 -3.59 21.96
N ASP B 200 17.08 -3.62 21.94
CA ASP B 200 17.89 -2.71 22.80
CA ASP B 200 17.88 -2.71 22.75
C ASP B 200 17.13 -1.53 23.39
C ASP B 200 17.00 -1.65 23.42
N HIS B 201 16.25 -0.93 22.60
CA HIS B 201 15.58 0.30 23.01
C HIS B 201 14.10 0.20 23.39
N GLY B 202 13.43 -0.85 22.93
CA GLY B 202 11.99 -0.99 23.14
C GLY B 202 11.26 0.27 22.71
N CYS B 203 10.32 0.76 23.53
CA CYS B 203 9.48 1.86 23.10
C CYS B 203 10.21 3.22 23.01
N ASP B 204 11.43 3.32 23.54
CA ASP B 204 12.22 4.53 23.30
C ASP B 204 12.40 4.76 21.80
N LEU B 205 12.51 3.67 21.05
CA LEU B 205 12.71 3.78 19.61
C LEU B 205 11.44 4.31 18.91
N ALA B 206 10.29 4.17 19.56
CA ALA B 206 9.04 4.60 18.94
C ALA B 206 8.89 6.12 18.91
N GLN B 207 9.87 6.85 19.43
CA GLN B 207 9.84 8.31 19.31
C GLN B 207 10.33 8.74 17.93
N VAL B 208 10.88 7.81 17.17
CA VAL B 208 11.29 8.10 15.77
C VAL B 208 10.26 7.52 14.81
N PRO B 209 9.67 8.34 13.93
CA PRO B 209 8.70 7.73 12.98
C PRO B 209 9.39 6.81 11.97
N ILE B 210 8.89 5.58 11.84
CA ILE B 210 9.48 4.60 10.91
C ILE B 210 8.39 3.93 10.11
N TRP B 211 8.59 3.83 8.79
CA TRP B 211 7.75 3.03 7.95
C TRP B 211 8.61 1.86 7.44
N GLY B 212 8.32 0.66 7.90
CA GLY B 212 9.07 -0.53 7.50
C GLY B 212 8.31 -1.33 6.44
N PHE B 213 9.06 -1.84 5.46
CA PHE B 213 8.54 -2.59 4.32
C PHE B 213 9.25 -3.94 4.21
N HIS B 214 8.56 -5.02 3.83
CA HIS B 214 9.24 -6.29 3.64
C HIS B 214 8.36 -7.21 2.81
N GLY B 215 8.96 -8.07 2.00
CA GLY B 215 8.16 -9.06 1.29
C GLY B 215 8.09 -10.26 2.21
N ASP B 216 6.94 -10.92 2.32
CA ASP B 216 6.88 -11.98 3.33
C ASP B 216 7.47 -13.30 2.86
N ALA B 217 7.97 -13.32 1.63
CA ALA B 217 8.64 -14.51 1.08
C ALA B 217 10.15 -14.27 0.88
N ASP B 218 10.66 -13.22 1.49
CA ASP B 218 12.07 -12.84 1.40
C ASP B 218 12.98 -13.97 1.88
N PRO B 219 13.81 -14.52 0.98
CA PRO B 219 14.70 -15.63 1.33
C PRO B 219 16.08 -15.16 1.81
N THR B 220 16.30 -13.85 1.75
CA THR B 220 17.61 -13.26 1.98
C THR B 220 17.72 -12.56 3.34
N VAL B 221 16.72 -11.72 3.63
CA VAL B 221 16.60 -11.09 4.94
C VAL B 221 15.28 -11.55 5.53
N ALA B 222 15.32 -12.24 6.67
CA ALA B 222 14.08 -12.75 7.28
C ALA B 222 13.06 -11.64 7.47
N PRO B 223 11.81 -11.85 7.03
CA PRO B 223 10.77 -10.81 7.15
C PRO B 223 10.51 -10.44 8.62
N ALA B 224 10.80 -11.35 9.55
CA ALA B 224 10.72 -10.99 10.97
C ALA B 224 11.57 -9.75 11.28
N GLY B 225 12.62 -9.55 10.50
CA GLY B 225 13.48 -8.39 10.65
C GLY B 225 12.74 -7.05 10.63
N THR B 226 11.63 -6.99 9.87
CA THR B 226 10.83 -5.78 9.83
C THR B 226 9.53 -5.95 10.61
N ILE B 227 8.93 -7.13 10.51
CA ILE B 227 7.61 -7.35 11.09
C ILE B 227 7.63 -7.28 12.63
N GLU B 228 8.63 -7.94 13.23
N GLU B 228 8.63 -7.90 13.24
CA GLU B 228 8.73 -7.99 14.70
CA GLU B 228 8.62 -7.96 14.70
C GLU B 228 8.92 -6.58 15.28
C GLU B 228 8.95 -6.59 15.36
N PRO B 229 9.95 -5.86 14.84
CA PRO B 229 10.12 -4.52 15.41
C PRO B 229 8.98 -3.58 15.07
N MSE B 230 8.43 -3.63 13.86
CA MSE B 230 7.36 -2.69 13.56
C MSE B 230 6.15 -3.00 14.41
O MSE B 230 5.48 -2.09 14.87
CB MSE B 230 6.95 -2.68 12.10
CG MSE B 230 7.96 -2.09 11.12
SE MSE B 230 8.82 -0.46 11.73
CE MSE B 230 7.25 0.55 12.34
N ASN B 231 5.85 -4.29 14.62
CA ASN B 231 4.71 -4.63 15.48
C ASN B 231 4.95 -4.14 16.92
N GLY B 232 6.18 -4.26 17.40
CA GLY B 232 6.51 -3.79 18.75
C GLY B 232 6.35 -2.27 18.84
N LEU B 233 6.81 -1.56 17.81
CA LEU B 233 6.75 -0.11 17.81
C LEU B 233 5.29 0.37 17.73
N ILE B 234 4.49 -0.29 16.91
CA ILE B 234 3.08 0.05 16.82
C ILE B 234 2.35 -0.20 18.13
N ALA B 235 2.73 -1.25 18.83
CA ALA B 235 2.17 -1.56 20.13
C ALA B 235 2.54 -0.54 21.23
N CYS B 236 3.62 0.22 21.05
CA CYS B 236 4.04 1.21 22.05
C CYS B 236 2.99 2.29 22.31
N ALA B 237 2.82 2.67 23.56
CA ALA B 237 1.74 3.58 23.95
C ALA B 237 1.90 4.97 23.33
N GLN B 238 0.78 5.61 22.99
CA GLN B 238 0.81 7.03 22.64
C GLN B 238 1.06 7.81 23.94
N PRO B 239 1.77 8.95 23.87
CA PRO B 239 2.27 9.60 22.63
C PRO B 239 3.54 8.98 22.12
N ARG B 240 3.53 8.71 20.82
CA ARG B 240 4.71 8.20 20.16
C ARG B 240 4.65 8.72 18.73
N ALA B 241 5.73 8.50 18.00
CA ALA B 241 5.77 8.84 16.58
C ALA B 241 4.89 7.89 15.77
N ASP B 242 4.46 8.33 14.61
N ASP B 242 4.45 8.31 14.58
CA ASP B 242 3.77 7.44 13.68
CA ASP B 242 3.70 7.42 13.67
C ASP B 242 4.65 6.23 13.40
C ASP B 242 4.61 6.25 13.28
N GLN B 243 4.02 5.07 13.25
CA GLN B 243 4.74 3.81 12.94
C GLN B 243 3.90 3.04 11.96
N GLN B 244 4.50 2.61 10.85
CA GLN B 244 3.75 1.88 9.83
C GLN B 244 4.52 0.65 9.36
N LEU B 245 3.76 -0.39 9.04
CA LEU B 245 4.31 -1.66 8.55
C LEU B 245 3.58 -2.05 7.27
N THR B 246 4.34 -2.29 6.22
CA THR B 246 3.80 -2.82 4.99
C THR B 246 4.46 -4.14 4.67
N VAL B 247 3.65 -5.18 4.56
CA VAL B 247 4.11 -6.53 4.20
C VAL B 247 3.52 -6.90 2.85
N TYR B 248 4.40 -7.14 1.87
CA TYR B 248 3.99 -7.54 0.55
C TYR B 248 3.84 -9.07 0.46
N GLU B 249 2.62 -9.56 0.32
CA GLU B 249 2.43 -11.00 0.40
C GLU B 249 2.92 -11.70 -0.86
N GLY B 250 3.70 -12.75 -0.64
CA GLY B 250 4.26 -13.59 -1.70
C GLY B 250 5.50 -12.98 -2.36
N VAL B 251 5.94 -11.82 -1.87
CA VAL B 251 7.05 -11.09 -2.50
C VAL B 251 8.40 -11.47 -1.86
N GLY B 252 9.43 -11.58 -2.70
CA GLY B 252 10.75 -11.99 -2.24
C GLY B 252 11.60 -10.83 -1.74
N HIS B 253 12.91 -10.91 -1.95
CA HIS B 253 13.79 -9.90 -1.35
C HIS B 253 13.57 -8.51 -1.95
N ASP B 254 13.28 -8.41 -3.25
CA ASP B 254 13.03 -7.06 -3.77
C ASP B 254 11.65 -6.52 -3.39
N SER B 255 11.59 -5.90 -2.22
CA SER B 255 10.42 -5.16 -1.81
C SER B 255 10.64 -3.66 -1.99
N TRP B 256 11.82 -3.27 -2.51
CA TRP B 256 12.07 -1.83 -2.67
C TRP B 256 11.56 -1.22 -4.00
N SER B 257 11.62 -1.98 -5.10
N SER B 257 11.58 -1.97 -5.10
CA SER B 257 11.26 -1.38 -6.38
CA SER B 257 11.27 -1.35 -6.40
C SER B 257 9.82 -0.82 -6.31
C SER B 257 9.78 -0.95 -6.54
N ARG B 258 8.90 -1.63 -5.82
CA ARG B 258 7.50 -1.24 -5.82
C ARG B 258 7.25 -0.18 -4.76
N THR B 259 8.19 -0.04 -3.80
CA THR B 259 8.06 1.01 -2.78
C THR B 259 8.53 2.35 -3.31
N TYR B 260 9.79 2.42 -3.74
CA TYR B 260 10.32 3.71 -4.18
C TYR B 260 9.66 4.25 -5.46
N SER B 261 9.19 3.34 -6.32
CA SER B 261 8.56 3.77 -7.59
C SER B 261 7.09 4.15 -7.44
N LEU B 262 6.52 3.88 -6.28
CA LEU B 262 5.08 4.02 -6.00
C LEU B 262 4.18 3.11 -6.85
N SER B 263 4.72 2.06 -7.48
CA SER B 263 3.88 1.14 -8.21
C SER B 263 2.98 0.35 -7.24
N ALA B 264 3.39 0.17 -5.98
CA ALA B 264 2.54 -0.47 -5.00
C ALA B 264 1.61 0.51 -4.27
N GLY B 265 1.69 1.78 -4.64
CA GLY B 265 0.75 2.79 -4.13
C GLY B 265 0.90 3.22 -2.66
N HIS B 266 2.09 3.00 -2.08
CA HIS B 266 2.39 3.46 -0.73
C HIS B 266 3.19 4.74 -0.89
N ASP B 267 2.58 5.89 -0.63
CA ASP B 267 3.26 7.16 -0.92
C ASP B 267 4.17 7.52 0.23
N ILE B 268 5.37 6.95 0.18
CA ILE B 268 6.35 7.17 1.22
C ILE B 268 6.83 8.62 1.24
N TYR B 269 6.77 9.30 0.10
CA TYR B 269 7.26 10.69 0.06
C TYR B 269 6.32 11.64 0.80
N ALA B 270 5.02 11.50 0.59
CA ALA B 270 4.05 12.31 1.32
C ALA B 270 4.19 12.01 2.80
N TRP B 271 4.37 10.73 3.12
CA TRP B 271 4.45 10.34 4.54
C TRP B 271 5.69 10.96 5.19
N LEU B 272 6.84 10.81 4.56
CA LEU B 272 8.04 11.48 5.09
C LEU B 272 7.81 12.96 5.33
N LEU B 273 7.27 13.64 4.32
CA LEU B 273 7.11 15.09 4.45
C LEU B 273 6.13 15.49 5.53
N SER B 274 5.29 14.56 5.95
CA SER B 274 4.35 14.84 7.03
C SER B 274 5.05 14.75 8.38
N GLN B 275 6.32 14.32 8.39
CA GLN B 275 7.09 14.20 9.62
C GLN B 275 8.12 15.34 9.74
N SER B 276 8.30 15.85 10.96
CA SER B 276 9.32 16.86 11.17
C SER B 276 9.70 16.88 12.63
N ARG B 277 10.90 17.37 12.93
CA ARG B 277 11.37 17.54 14.30
C ARG B 277 10.95 18.89 14.90
CL CL C . 2.61 -4.09 -6.12
CL CL D . -4.22 -17.35 -14.23
CL CL E . -27.55 -5.95 -22.13
C1 GOL F . 35.86 -4.73 4.75
O1 GOL F . 34.52 -5.13 4.93
C2 GOL F . 36.22 -4.85 3.28
O2 GOL F . 36.52 -6.18 2.95
C3 GOL F . 37.38 -3.92 2.92
O3 GOL F . 36.95 -2.58 2.91
CL CL G . 17.09 -2.25 -15.62
C FMT H . 16.30 -15.28 11.30
O1 FMT H . 16.89 -14.26 11.05
O2 FMT H . 15.19 -15.25 12.01
CL CL I . 27.23 -0.91 13.03
CL CL J . 4.13 -9.33 -6.86
#